data_2C6Z
#
_entry.id   2C6Z
#
_cell.length_a   40.652
_cell.length_b   80.134
_cell.length_c   44.932
_cell.angle_alpha   90.00
_cell.angle_beta   108.07
_cell.angle_gamma   90.00
#
_symmetry.space_group_name_H-M   'P 1 21 1'
#
loop_
_entity.id
_entity.type
_entity.pdbx_description
1 polymer 'NG, NG-DIMETHYLARGININE DIMETHYLAMINOHYDROLASE 1'
2 non-polymer CITRULLINE
3 non-polymer 'CITRIC ACID'
4 water water
#
_entity_poly.entity_id   1
_entity_poly.type   'polypeptide(L)'
_entity_poly.pdbx_seq_one_letter_code
;ASLGHPATFGRATHVVVRALPESLAQQALRRTKGDEVDFARAERQHQLYVGVLGSKLGLQVVQLPADESLPDCVFVEDVA
VVCEETALITRPGAPSRRKEADMMKEALEKLQLNIVEMKDENATLDGGDVLFTGREFFVGLSKRTNQRGAEILADTFKDY
AVSTVPVVDALHLKSFCSMAGPNLIAIGSSESAQKALKIMQQMSDHRYDKLTVPDDTAANCIYLNIPSKGHVLLHRTPEE
YPESAKVYEKLKDHMLIPVSNSELEKVDGLLTCSSVLINKKVDS
;
_entity_poly.pdbx_strand_id   A
#
loop_
_chem_comp.id
_chem_comp.type
_chem_comp.name
_chem_comp.formula
CIT non-polymer 'CITRIC ACID' 'C6 H8 O7'
#
# COMPACT_ATOMS: atom_id res chain seq x y z
N THR A 8 -4.06 -10.75 -15.50
CA THR A 8 -5.09 -9.75 -15.25
C THR A 8 -4.71 -8.84 -14.11
N PHE A 9 -4.70 -7.54 -14.45
CA PHE A 9 -4.31 -6.55 -13.49
C PHE A 9 -5.24 -6.61 -12.29
N GLY A 10 -4.65 -6.66 -11.10
CA GLY A 10 -5.40 -6.63 -9.89
C GLY A 10 -5.96 -7.95 -9.41
N ARG A 11 -5.71 -9.03 -10.14
CA ARG A 11 -6.14 -10.33 -9.67
C ARG A 11 -5.30 -10.72 -8.46
N ALA A 12 -5.93 -11.33 -7.49
CA ALA A 12 -5.25 -11.87 -6.31
C ALA A 12 -5.99 -13.12 -5.86
N THR A 13 -5.27 -14.02 -5.21
CA THR A 13 -5.80 -15.21 -4.61
C THR A 13 -5.53 -15.29 -3.12
N HIS A 14 -4.45 -14.63 -2.68
CA HIS A 14 -3.96 -14.75 -1.31
C HIS A 14 -3.61 -13.36 -0.83
N VAL A 15 -3.63 -13.18 0.49
CA VAL A 15 -3.26 -11.91 1.12
C VAL A 15 -2.56 -12.20 2.44
N VAL A 16 -1.46 -11.47 2.66
CA VAL A 16 -0.74 -11.51 3.94
C VAL A 16 -1.11 -10.24 4.71
N VAL A 17 -1.52 -10.42 5.96
CA VAL A 17 -1.86 -9.35 6.90
C VAL A 17 -1.16 -9.67 8.21
N ARG A 18 -1.12 -8.69 9.11
CA ARG A 18 -0.48 -8.93 10.41
C ARG A 18 -1.25 -8.17 11.49
N ALA A 19 -1.42 -8.86 12.64
CA ALA A 19 -2.17 -8.33 13.74
C ALA A 19 -1.52 -7.10 14.37
N LEU A 20 -2.33 -6.20 14.93
CA LEU A 20 -1.88 -5.06 15.62
C LEU A 20 -1.32 -5.40 16.99
N PRO A 21 -0.11 -4.91 17.33
CA PRO A 21 0.41 -5.06 18.69
C PRO A 21 -0.17 -3.95 19.55
N GLU A 22 -0.35 -4.21 20.85
CA GLU A 22 -0.80 -3.18 21.75
C GLU A 22 0.14 -1.96 21.77
N SER A 23 1.43 -2.21 21.58
CA SER A 23 2.42 -1.13 21.53
C SER A 23 2.21 -0.17 20.39
N LEU A 24 1.39 -0.49 19.41
CA LEU A 24 1.15 0.47 18.32
C LEU A 24 0.60 1.78 18.85
N ALA A 25 -0.33 1.72 19.83
CA ALA A 25 -1.05 2.94 20.20
C ALA A 25 -0.13 4.06 20.59
N GLN A 26 0.85 3.80 21.46
CA GLN A 26 1.78 4.83 21.92
C GLN A 26 3.11 4.84 21.18
N GLN A 27 3.50 3.69 20.59
CA GLN A 27 4.91 3.52 20.15
C GLN A 27 5.09 3.43 18.66
N ALA A 28 4.02 3.29 17.88
CA ALA A 28 4.22 3.32 16.42
C ALA A 28 4.70 4.67 15.99
N LEU A 29 5.54 4.69 14.98
CA LEU A 29 6.02 5.95 14.39
C LEU A 29 4.91 6.75 13.80
N ARG A 30 4.95 8.08 13.96
CA ARG A 30 3.92 8.94 13.34
C ARG A 30 4.46 10.34 13.15
N ARG A 31 4.11 10.92 11.99
CA ARG A 31 4.61 12.22 11.66
C ARG A 31 3.82 13.29 12.40
N THR A 32 2.54 13.10 12.66
CA THR A 32 1.65 14.07 13.35
C THR A 32 1.34 13.55 14.74
N LYS A 33 1.55 14.38 15.73
CA LYS A 33 1.29 14.00 17.14
C LYS A 33 -0.09 14.51 17.48
N GLY A 34 -1.11 13.93 16.89
CA GLY A 34 -2.49 14.37 17.04
C GLY A 34 -3.30 13.52 17.98
N ASP A 35 -4.60 13.37 17.74
CA ASP A 35 -5.47 12.57 18.57
C ASP A 35 -4.90 11.19 18.82
N GLU A 36 -5.06 10.77 20.05
CA GLU A 36 -4.56 9.45 20.40
C GLU A 36 -5.29 8.37 19.65
N VAL A 37 -4.57 7.29 19.39
CA VAL A 37 -5.18 6.09 18.82
C VAL A 37 -6.17 5.46 19.80
N ASP A 38 -7.34 5.12 19.34
CA ASP A 38 -8.30 4.30 20.05
C ASP A 38 -8.01 2.87 19.64
N PHE A 39 -7.29 2.15 20.48
CA PHE A 39 -6.74 0.87 20.07
C PHE A 39 -7.84 -0.15 19.79
N ALA A 40 -8.85 -0.21 20.65
CA ALA A 40 -9.93 -1.17 20.44
C ALA A 40 -10.60 -0.89 19.09
N ARG A 41 -10.80 0.40 18.78
CA ARG A 41 -11.40 0.74 17.49
C ARG A 41 -10.47 0.41 16.35
N ALA A 42 -9.17 0.61 16.49
CA ALA A 42 -8.22 0.22 15.44
C ALA A 42 -8.30 -1.28 15.20
N GLU A 43 -8.44 -2.06 16.26
CA GLU A 43 -8.58 -3.50 16.09
C GLU A 43 -9.85 -3.85 15.33
N ARG A 44 -10.96 -3.18 15.62
CA ARG A 44 -12.20 -3.43 14.89
C ARG A 44 -12.04 -3.07 13.42
N GLN A 45 -11.37 -1.97 13.16
CA GLN A 45 -11.18 -1.54 11.74
C GLN A 45 -10.34 -2.53 11.01
N HIS A 46 -9.29 -3.06 11.66
CA HIS A 46 -8.49 -4.12 11.00
C HIS A 46 -9.28 -5.40 10.77
N GLN A 47 -10.08 -5.78 11.77
CA GLN A 47 -10.91 -6.98 11.63
C GLN A 47 -11.81 -6.85 10.41
N LEU A 48 -12.44 -5.70 10.24
CA LEU A 48 -13.36 -5.50 9.13
C LEU A 48 -12.63 -5.51 7.81
N TYR A 49 -11.47 -4.87 7.74
CA TYR A 49 -10.62 -4.85 6.57
C TYR A 49 -10.26 -6.27 6.14
N VAL A 50 -9.77 -7.06 7.08
CA VAL A 50 -9.38 -8.46 6.78
C VAL A 50 -10.61 -9.24 6.38
N GLY A 51 -11.74 -8.97 7.01
CA GLY A 51 -12.98 -9.64 6.66
C GLY A 51 -13.45 -9.35 5.23
N VAL A 52 -13.33 -8.10 4.81
CA VAL A 52 -13.63 -7.77 3.41
C VAL A 52 -12.76 -8.58 2.47
N LEU A 53 -11.45 -8.64 2.74
CA LEU A 53 -10.55 -9.34 1.81
C LEU A 53 -10.75 -10.83 1.79
N GLY A 54 -10.94 -11.43 2.96
CA GLY A 54 -11.05 -12.88 3.08
C GLY A 54 -12.46 -13.39 2.95
N SER A 55 -13.36 -12.94 3.76
CA SER A 55 -14.72 -13.45 3.80
C SER A 55 -15.55 -12.94 2.61
N LYS A 56 -15.57 -11.62 2.39
CA LYS A 56 -16.43 -11.13 1.30
C LYS A 56 -15.84 -11.41 -0.05
N LEU A 57 -14.54 -11.14 -0.23
CA LEU A 57 -13.91 -11.27 -1.54
C LEU A 57 -13.27 -12.63 -1.77
N GLY A 58 -13.15 -13.47 -0.75
CA GLY A 58 -12.72 -14.83 -0.92
C GLY A 58 -11.24 -15.07 -1.01
N LEU A 59 -10.40 -14.11 -0.68
CA LEU A 59 -8.97 -14.34 -0.69
C LEU A 59 -8.59 -15.27 0.48
N GLN A 60 -7.57 -16.07 0.25
CA GLN A 60 -6.97 -16.88 1.29
C GLN A 60 -6.08 -15.99 2.13
N VAL A 61 -6.40 -15.82 3.40
CA VAL A 61 -5.71 -14.93 4.31
C VAL A 61 -4.61 -15.66 5.08
N VAL A 62 -3.42 -15.10 5.08
CA VAL A 62 -2.34 -15.49 5.98
C VAL A 62 -2.21 -14.43 7.03
N GLN A 63 -2.58 -14.71 8.30
CA GLN A 63 -2.51 -13.65 9.31
C GLN A 63 -1.34 -13.90 10.24
N LEU A 64 -0.38 -13.01 10.16
CA LEU A 64 0.81 -13.10 11.01
C LEU A 64 0.50 -12.56 12.39
N PRO A 65 1.08 -13.17 13.42
CA PRO A 65 0.84 -12.69 14.78
C PRO A 65 1.55 -11.36 15.07
N ALA A 66 0.99 -10.60 15.98
CA ALA A 66 1.63 -9.36 16.42
C ALA A 66 2.94 -9.66 17.13
N ASP A 67 3.88 -8.72 17.04
CA ASP A 67 5.10 -8.74 17.85
C ASP A 67 5.14 -7.44 18.61
N GLU A 68 5.03 -7.43 19.92
CA GLU A 68 4.96 -6.17 20.64
C GLU A 68 6.23 -5.35 20.54
N SER A 69 7.32 -6.00 20.20
CA SER A 69 8.60 -5.28 20.00
C SER A 69 8.65 -4.56 18.66
N LEU A 70 7.64 -4.70 17.81
CA LEU A 70 7.55 -4.12 16.46
C LEU A 70 6.23 -3.39 16.35
N PRO A 71 6.15 -2.19 16.92
CA PRO A 71 4.87 -1.49 17.02
C PRO A 71 4.20 -1.18 15.69
N ASP A 72 4.93 -1.16 14.60
CA ASP A 72 4.41 -0.90 13.26
C ASP A 72 4.17 -2.17 12.46
N CYS A 73 4.16 -3.35 13.13
CA CYS A 73 4.18 -4.60 12.36
C CYS A 73 2.90 -4.88 11.57
N VAL A 74 1.80 -4.18 11.86
CA VAL A 74 0.60 -4.29 11.03
C VAL A 74 0.85 -3.86 9.62
N PHE A 75 1.81 -2.98 9.36
CA PHE A 75 1.99 -2.31 8.06
C PHE A 75 2.83 -3.12 7.11
N VAL A 76 2.33 -4.32 6.81
CA VAL A 76 3.03 -5.33 6.02
C VAL A 76 3.40 -4.84 4.63
N GLU A 77 2.68 -3.90 4.03
CA GLU A 77 3.02 -3.39 2.72
C GLU A 77 4.46 -2.97 2.63
N ASP A 78 4.95 -2.35 3.72
CA ASP A 78 6.28 -1.75 3.57
C ASP A 78 7.44 -2.75 3.53
N VAL A 79 7.19 -4.00 3.92
CA VAL A 79 8.25 -4.99 4.03
C VAL A 79 8.34 -5.95 2.85
N ALA A 80 7.39 -5.89 1.90
CA ALA A 80 7.49 -6.75 0.71
C ALA A 80 6.78 -6.12 -0.45
N VAL A 81 7.33 -6.32 -1.63
CA VAL A 81 6.75 -5.96 -2.90
C VAL A 81 6.64 -7.25 -3.71
N VAL A 82 5.42 -7.62 -4.08
CA VAL A 82 5.18 -8.82 -4.86
C VAL A 82 4.71 -8.48 -6.27
N CYS A 83 5.31 -9.13 -7.25
CA CYS A 83 4.99 -8.97 -8.66
C CYS A 83 5.12 -10.34 -9.32
N GLU A 84 3.98 -10.79 -9.83
CA GLU A 84 3.88 -12.11 -10.44
C GLU A 84 4.31 -13.12 -9.41
N GLU A 85 5.31 -13.91 -9.66
CA GLU A 85 5.74 -15.01 -8.77
C GLU A 85 6.96 -14.68 -7.94
N THR A 86 7.30 -13.39 -7.94
CA THR A 86 8.46 -12.94 -7.21
C THR A 86 8.14 -11.93 -6.11
N ALA A 87 8.77 -12.11 -4.95
CA ALA A 87 8.66 -11.22 -3.82
C ALA A 87 10.03 -10.63 -3.50
N LEU A 88 10.03 -9.29 -3.42
CA LEU A 88 11.16 -8.55 -2.91
C LEU A 88 10.92 -8.27 -1.44
N ILE A 89 11.75 -8.84 -0.59
CA ILE A 89 11.74 -8.55 0.82
C ILE A 89 12.60 -7.30 1.01
N THR A 90 11.92 -6.22 1.47
CA THR A 90 12.58 -4.92 1.48
C THR A 90 13.48 -4.77 2.71
N ARG A 91 14.25 -3.71 2.75
CA ARG A 91 15.01 -3.21 3.91
C ARG A 91 14.34 -1.90 4.26
N PRO A 92 13.35 -1.97 5.15
CA PRO A 92 12.62 -0.73 5.44
C PRO A 92 13.49 0.44 5.86
N GLY A 93 13.01 1.64 5.51
CA GLY A 93 13.76 2.81 5.90
C GLY A 93 13.90 3.05 7.40
N ALA A 94 12.86 2.71 8.16
CA ALA A 94 12.93 2.92 9.60
C ALA A 94 13.66 1.77 10.25
N PRO A 95 14.75 2.01 10.93
CA PRO A 95 15.42 0.91 11.65
C PRO A 95 14.53 0.11 12.59
N SER A 96 13.57 0.71 13.28
CA SER A 96 12.70 0.00 14.21
C SER A 96 11.76 -0.96 13.50
N ARG A 97 11.72 -0.93 12.18
CA ARG A 97 10.85 -1.85 11.43
C ARG A 97 11.60 -2.96 10.71
N ARG A 98 12.92 -2.98 10.78
CA ARG A 98 13.65 -3.93 9.93
C ARG A 98 13.34 -5.38 10.23
N LYS A 99 13.15 -5.75 11.50
CA LYS A 99 12.93 -7.17 11.84
C LYS A 99 11.55 -7.61 11.45
N GLU A 100 10.65 -6.75 11.00
CA GLU A 100 9.39 -7.18 10.45
C GLU A 100 9.61 -8.01 9.21
N ALA A 101 10.77 -7.86 8.56
CA ALA A 101 11.01 -8.67 7.38
C ALA A 101 11.05 -10.16 7.65
N ASP A 102 11.48 -10.55 8.85
CA ASP A 102 11.72 -11.92 9.22
C ASP A 102 10.50 -12.76 9.01
N MET A 103 9.37 -12.40 9.63
CA MET A 103 8.21 -13.24 9.49
C MET A 103 7.58 -13.11 8.10
N MET A 104 7.72 -11.95 7.46
CA MET A 104 7.19 -11.79 6.09
C MET A 104 7.90 -12.73 5.13
N LYS A 105 9.23 -12.78 5.21
CA LYS A 105 10.03 -13.68 4.38
C LYS A 105 9.54 -15.10 4.55
N GLU A 106 9.33 -15.57 5.78
CA GLU A 106 8.86 -16.92 6.03
C GLU A 106 7.48 -17.14 5.40
N ALA A 107 6.57 -16.18 5.58
CA ALA A 107 5.25 -16.35 5.00
C ALA A 107 5.29 -16.47 3.50
N LEU A 108 6.09 -15.63 2.87
CA LEU A 108 6.16 -15.62 1.40
C LEU A 108 6.87 -16.84 0.86
N GLU A 109 7.88 -17.36 1.58
CA GLU A 109 8.46 -18.63 1.23
C GLU A 109 7.39 -19.71 1.22
N LYS A 110 6.55 -19.74 2.24
CA LYS A 110 5.53 -20.79 2.37
C LYS A 110 4.46 -20.64 1.29
N LEU A 111 4.27 -19.47 0.72
CA LEU A 111 3.40 -19.29 -0.42
C LEU A 111 4.10 -19.63 -1.72
N GLN A 112 5.31 -20.15 -1.66
CA GLN A 112 6.05 -20.68 -2.78
C GLN A 112 6.41 -19.60 -3.81
N LEU A 113 6.62 -18.39 -3.35
CA LEU A 113 7.16 -17.35 -4.22
C LEU A 113 8.68 -17.44 -4.33
N ASN A 114 9.20 -16.91 -5.42
CA ASN A 114 10.64 -16.70 -5.55
C ASN A 114 11.00 -15.50 -4.69
N ILE A 115 11.98 -15.61 -3.82
CA ILE A 115 12.29 -14.59 -2.83
C ILE A 115 13.60 -13.89 -3.16
N VAL A 116 13.61 -12.57 -3.25
CA VAL A 116 14.82 -11.76 -3.35
C VAL A 116 14.85 -10.86 -2.12
N GLU A 117 15.95 -10.84 -1.39
CA GLU A 117 16.06 -10.00 -0.19
C GLU A 117 16.93 -8.76 -0.44
N MET A 118 16.45 -7.63 -0.03
CA MET A 118 17.27 -6.40 -0.07
C MET A 118 18.26 -6.41 1.10
N LYS A 119 19.46 -6.90 0.90
CA LYS A 119 20.50 -7.03 1.90
C LYS A 119 21.44 -5.85 1.97
N ASP A 120 21.57 -5.10 0.89
CA ASP A 120 22.60 -4.08 0.78
C ASP A 120 22.39 -3.10 1.90
N GLU A 121 23.36 -2.96 2.77
CA GLU A 121 23.24 -2.07 3.90
C GLU A 121 23.20 -0.61 3.52
N ASN A 122 23.43 -0.28 2.25
CA ASN A 122 23.27 1.10 1.82
C ASN A 122 21.93 1.38 1.16
N ALA A 123 21.05 0.39 1.11
CA ALA A 123 19.78 0.47 0.46
C ALA A 123 18.64 0.46 1.46
N THR A 124 17.63 1.28 1.23
CA THR A 124 16.39 1.16 1.97
C THR A 124 15.23 1.34 0.99
N LEU A 125 14.14 0.69 1.28
CA LEU A 125 12.93 0.84 0.48
C LEU A 125 11.75 0.43 1.35
N ASP A 126 10.72 1.28 1.37
CA ASP A 126 9.41 0.90 1.89
C ASP A 126 8.50 0.60 0.73
N GLY A 127 7.79 -0.53 0.84
CA GLY A 127 6.79 -0.87 -0.16
C GLY A 127 5.74 0.19 -0.40
N GLY A 128 5.44 1.03 0.62
CA GLY A 128 4.50 2.12 0.40
C GLY A 128 4.92 3.14 -0.61
N ASP A 129 6.23 3.19 -0.93
CA ASP A 129 6.77 4.05 -1.94
C ASP A 129 6.64 3.48 -3.34
N VAL A 130 6.09 2.30 -3.50
CA VAL A 130 6.07 1.64 -4.80
C VAL A 130 4.64 1.59 -5.33
N LEU A 131 4.47 2.16 -6.51
CA LEU A 131 3.24 2.13 -7.28
C LEU A 131 3.41 1.26 -8.51
N PHE A 132 2.77 0.10 -8.50
CA PHE A 132 2.82 -0.83 -9.63
C PHE A 132 1.54 -0.66 -10.44
N THR A 133 1.68 -0.22 -11.68
CA THR A 133 0.50 0.05 -12.49
C THR A 133 -0.03 -1.13 -13.29
N GLY A 134 0.68 -2.27 -13.27
CA GLY A 134 0.45 -3.35 -14.18
C GLY A 134 1.33 -3.27 -15.42
N ARG A 135 1.77 -2.09 -15.79
CA ARG A 135 2.61 -1.87 -16.93
C ARG A 135 4.03 -1.49 -16.56
N GLU A 136 4.21 -0.85 -15.42
CA GLU A 136 5.50 -0.33 -14.96
C GLU A 136 5.42 -0.03 -13.47
N PHE A 137 6.56 0.29 -12.90
CA PHE A 137 6.67 0.75 -11.55
C PHE A 137 7.07 2.22 -11.46
N PHE A 138 6.47 2.91 -10.50
CA PHE A 138 6.92 4.23 -10.04
C PHE A 138 7.39 4.07 -8.60
N VAL A 139 8.56 4.53 -8.30
CA VAL A 139 9.14 4.39 -6.96
C VAL A 139 9.43 5.76 -6.42
N GLY A 140 8.81 6.06 -5.29
CA GLY A 140 9.10 7.31 -4.63
C GLY A 140 10.44 7.29 -3.94
N LEU A 141 11.20 8.37 -4.12
CA LEU A 141 12.43 8.61 -3.33
C LEU A 141 12.06 9.52 -2.18
N SER A 142 12.12 9.03 -0.98
CA SER A 142 11.57 9.62 0.19
C SER A 142 12.56 9.54 1.33
N LYS A 143 12.11 9.89 2.54
CA LYS A 143 12.99 9.65 3.67
C LYS A 143 13.15 8.17 4.01
N ARG A 144 12.31 7.34 3.43
CA ARG A 144 12.28 5.92 3.67
C ARG A 144 12.93 5.12 2.54
N THR A 145 12.89 5.60 1.31
CA THR A 145 13.32 4.83 0.15
C THR A 145 14.39 5.62 -0.60
N ASN A 146 15.55 5.00 -0.81
CA ASN A 146 16.62 5.74 -1.50
C ASN A 146 16.84 5.14 -2.89
N GLN A 147 17.75 5.86 -3.62
CA GLN A 147 18.07 5.44 -4.98
C GLN A 147 18.57 4.02 -5.06
N ARG A 148 19.42 3.57 -4.12
CA ARG A 148 19.92 2.20 -4.19
C ARG A 148 18.78 1.21 -4.03
N GLY A 149 17.83 1.52 -3.13
CA GLY A 149 16.67 0.63 -3.00
C GLY A 149 15.87 0.54 -4.27
N ALA A 150 15.63 1.68 -4.94
CA ALA A 150 14.92 1.68 -6.21
C ALA A 150 15.65 0.86 -7.28
N GLU A 151 16.98 0.96 -7.29
CA GLU A 151 17.78 0.21 -8.23
C GLU A 151 17.67 -1.30 -8.00
N ILE A 152 17.67 -1.70 -6.73
CA ILE A 152 17.51 -3.13 -6.42
C ILE A 152 16.12 -3.59 -6.86
N LEU A 153 15.07 -2.79 -6.69
CA LEU A 153 13.75 -3.16 -7.17
C LEU A 153 13.80 -3.37 -8.67
N ALA A 154 14.42 -2.42 -9.38
CA ALA A 154 14.49 -2.54 -10.82
C ALA A 154 15.20 -3.78 -11.29
N ASP A 155 16.28 -4.14 -10.58
CA ASP A 155 17.03 -5.36 -10.86
C ASP A 155 16.21 -6.63 -10.60
N THR A 156 15.32 -6.54 -9.64
CA THR A 156 14.51 -7.68 -9.25
C THR A 156 13.37 -7.96 -10.23
N PHE A 157 12.77 -6.87 -10.77
CA PHE A 157 11.64 -6.96 -11.66
C PHE A 157 12.05 -6.46 -13.03
N LYS A 158 12.99 -7.22 -13.61
CA LYS A 158 13.65 -6.79 -14.82
C LYS A 158 12.73 -6.65 -16.03
N ASP A 159 11.57 -7.29 -16.01
CA ASP A 159 10.71 -7.23 -17.17
C ASP A 159 9.80 -5.99 -17.20
N TYR A 160 9.94 -5.14 -16.21
CA TYR A 160 9.17 -3.92 -16.07
C TYR A 160 10.08 -2.71 -15.97
N ALA A 161 9.62 -1.66 -16.63
CA ALA A 161 10.26 -0.37 -16.45
C ALA A 161 10.00 0.13 -15.04
N VAL A 162 11.01 0.76 -14.47
CA VAL A 162 11.00 1.38 -13.17
C VAL A 162 11.49 2.80 -13.25
N SER A 163 10.71 3.79 -12.80
CA SER A 163 11.11 5.18 -12.77
C SER A 163 10.85 5.72 -11.38
N THR A 164 11.54 6.78 -11.00
CA THR A 164 11.44 7.33 -9.66
C THR A 164 10.79 8.71 -9.71
N VAL A 165 10.28 9.10 -8.54
CA VAL A 165 9.63 10.39 -8.39
C VAL A 165 9.90 10.92 -7.00
N PRO A 166 10.21 12.20 -6.81
CA PRO A 166 10.48 12.70 -5.45
C PRO A 166 9.22 12.73 -4.60
N VAL A 167 9.36 12.28 -3.37
CA VAL A 167 8.31 12.34 -2.32
C VAL A 167 8.81 13.34 -1.33
N VAL A 168 8.27 14.54 -1.35
N VAL A 168 8.26 14.53 -1.30
CA VAL A 168 8.80 15.62 -0.54
CA VAL A 168 8.97 15.57 -0.53
C VAL A 168 7.98 15.90 0.72
C VAL A 168 8.40 15.86 0.83
N ASP A 169 6.66 15.97 0.55
N ASP A 169 7.07 15.87 1.00
CA ASP A 169 5.72 16.42 1.56
CA ASP A 169 6.55 16.15 2.34
C ASP A 169 4.78 15.36 2.15
C ASP A 169 5.76 15.00 2.97
N ALA A 170 5.17 14.10 2.12
N ALA A 170 5.21 14.11 2.15
CA ALA A 170 4.40 13.00 2.72
CA ALA A 170 4.40 12.98 2.64
C ALA A 170 5.33 11.87 3.09
C ALA A 170 5.31 11.84 3.03
N LEU A 171 4.79 10.86 3.77
CA LEU A 171 5.60 9.72 4.16
C LEU A 171 6.05 8.90 2.96
N HIS A 172 5.10 8.60 2.07
CA HIS A 172 5.38 7.74 0.96
C HIS A 172 4.69 8.23 -0.33
N LEU A 173 5.08 7.71 -1.47
CA LEU A 173 4.37 7.96 -2.72
C LEU A 173 2.91 7.65 -2.59
N LYS A 174 2.58 6.49 -2.05
CA LYS A 174 1.17 6.08 -1.96
C LYS A 174 0.45 6.71 -0.80
N SER A 175 1.02 7.70 -0.13
CA SER A 175 0.28 8.58 0.76
C SER A 175 -0.67 9.48 -0.02
N PHE A 176 -0.52 9.58 -1.32
CA PHE A 176 -1.38 10.50 -2.11
C PHE A 176 -1.75 9.89 -3.48
N CYS A 177 -1.55 8.60 -3.69
CA CYS A 177 -1.97 7.96 -4.92
C CYS A 177 -2.08 6.43 -4.74
N SER A 178 -2.71 5.77 -5.71
CA SER A 178 -2.83 4.34 -5.76
C SER A 178 -3.51 3.99 -7.07
N MET A 179 -3.52 2.72 -7.46
CA MET A 179 -4.29 2.33 -8.64
C MET A 179 -5.74 2.13 -8.22
N ALA A 180 -6.67 2.72 -8.99
CA ALA A 180 -8.09 2.55 -8.77
C ALA A 180 -8.72 1.66 -9.86
N GLY A 181 -7.95 1.22 -10.85
CA GLY A 181 -8.41 0.34 -11.92
C GLY A 181 -7.27 0.10 -12.87
N PRO A 182 -7.53 -0.71 -13.90
CA PRO A 182 -6.43 -1.12 -14.78
C PRO A 182 -5.66 -0.04 -15.48
N ASN A 183 -6.30 1.10 -15.76
CA ASN A 183 -5.57 2.25 -16.33
C ASN A 183 -5.82 3.51 -15.54
N LEU A 184 -6.16 3.41 -14.27
CA LEU A 184 -6.70 4.56 -13.53
C LEU A 184 -5.90 4.77 -12.27
N ILE A 185 -5.23 5.91 -12.22
CA ILE A 185 -4.45 6.29 -11.05
C ILE A 185 -5.29 7.25 -10.23
N ALA A 186 -5.61 6.90 -8.98
CA ALA A 186 -6.19 7.81 -8.02
C ALA A 186 -5.12 8.73 -7.51
N ILE A 187 -5.43 10.02 -7.43
CA ILE A 187 -4.43 11.05 -7.13
C ILE A 187 -5.07 12.17 -6.30
N GLY A 188 -4.32 12.69 -5.37
CA GLY A 188 -4.75 13.86 -4.64
C GLY A 188 -4.65 15.13 -5.45
N SER A 189 -5.21 16.20 -4.87
CA SER A 189 -5.27 17.51 -5.51
C SER A 189 -4.26 18.51 -4.99
N SER A 190 -3.42 18.19 -4.03
CA SER A 190 -2.50 19.19 -3.51
C SER A 190 -1.43 19.53 -4.55
N GLU A 191 -0.78 20.67 -4.31
CA GLU A 191 0.34 21.05 -5.13
C GLU A 191 1.35 19.94 -5.23
N SER A 192 1.68 19.34 -4.12
CA SER A 192 2.71 18.29 -4.10
C SER A 192 2.23 17.02 -4.82
N ALA A 193 1.00 16.60 -4.62
CA ALA A 193 0.51 15.38 -5.27
C ALA A 193 0.47 15.60 -6.79
N GLN A 194 0.01 16.78 -7.22
CA GLN A 194 -0.10 17.06 -8.65
C GLN A 194 1.28 17.16 -9.28
N LYS A 195 2.27 17.71 -8.59
CA LYS A 195 3.61 17.79 -9.14
C LYS A 195 4.16 16.37 -9.36
N ALA A 196 3.93 15.48 -8.39
CA ALA A 196 4.43 14.12 -8.50
C ALA A 196 3.76 13.39 -9.63
N LEU A 197 2.43 13.53 -9.78
CA LEU A 197 1.71 12.93 -10.88
C LEU A 197 2.26 13.37 -12.24
N LYS A 198 2.53 14.67 -12.39
CA LYS A 198 3.05 15.18 -13.65
C LYS A 198 4.42 14.59 -13.94
N ILE A 199 5.26 14.40 -12.92
CA ILE A 199 6.55 13.75 -13.18
C ILE A 199 6.34 12.31 -13.57
N MET A 200 5.48 11.55 -12.90
CA MET A 200 5.25 10.15 -13.26
C MET A 200 4.80 10.05 -14.70
N GLN A 201 3.87 10.91 -15.08
CA GLN A 201 3.33 10.89 -16.44
C GLN A 201 4.36 11.28 -17.51
N GLN A 202 5.23 12.22 -17.19
CA GLN A 202 6.31 12.60 -18.09
C GLN A 202 7.34 11.49 -18.27
N MET A 203 7.49 10.57 -17.34
CA MET A 203 8.49 9.51 -17.42
C MET A 203 7.98 8.31 -18.18
N SER A 204 6.69 8.27 -18.44
CA SER A 204 6.11 7.13 -19.14
C SER A 204 5.58 7.50 -20.50
N ASP A 205 5.67 6.55 -21.42
CA ASP A 205 5.04 6.69 -22.74
C ASP A 205 3.61 6.21 -22.75
N HIS A 206 3.11 5.69 -21.67
CA HIS A 206 1.74 5.22 -21.57
C HIS A 206 0.83 6.25 -20.94
N ARG A 207 -0.32 6.46 -21.54
CA ARG A 207 -1.27 7.45 -21.03
C ARG A 207 -2.21 6.82 -20.06
N TYR A 208 -2.10 7.24 -18.80
CA TYR A 208 -2.98 6.80 -17.73
C TYR A 208 -4.14 7.78 -17.59
N ASP A 209 -5.27 7.23 -17.17
CA ASP A 209 -6.40 8.04 -16.73
C ASP A 209 -6.21 8.36 -15.22
N LYS A 210 -6.84 9.40 -14.73
CA LYS A 210 -6.72 9.78 -13.35
C LYS A 210 -8.10 9.93 -12.70
N LEU A 211 -8.13 9.59 -11.43
CA LEU A 211 -9.28 9.75 -10.55
C LEU A 211 -8.83 10.70 -9.48
N THR A 212 -9.19 11.97 -9.68
CA THR A 212 -8.69 13.02 -8.76
C THR A 212 -9.62 13.23 -7.59
N VAL A 213 -9.05 13.20 -6.38
CA VAL A 213 -9.85 13.39 -5.17
C VAL A 213 -9.33 14.58 -4.37
N PRO A 214 -10.19 15.28 -3.64
CA PRO A 214 -9.77 16.48 -2.94
C PRO A 214 -8.94 16.23 -1.69
N ASP A 215 -9.04 15.07 -1.07
CA ASP A 215 -8.25 14.73 0.13
C ASP A 215 -7.11 13.83 -0.29
N ASP A 216 -5.86 14.27 -0.22
CA ASP A 216 -4.76 13.48 -0.75
C ASP A 216 -4.74 12.06 -0.19
N THR A 217 -4.97 11.92 1.13
CA THR A 217 -4.83 10.57 1.66
C THR A 217 -6.00 9.68 1.27
N ALA A 218 -7.11 10.24 0.81
CA ALA A 218 -8.20 9.43 0.29
C ALA A 218 -7.92 8.89 -1.10
N ALA A 219 -6.82 9.30 -1.72
CA ALA A 219 -6.39 8.72 -2.99
C ALA A 219 -5.79 7.34 -2.82
N ASN A 220 -5.55 6.90 -1.59
CA ASN A 220 -5.04 5.57 -1.32
C ASN A 220 -6.26 4.65 -1.16
N CYS A 221 -6.36 3.70 -2.09
CA CYS A 221 -7.45 2.79 -2.24
C CYS A 221 -6.89 1.43 -2.67
N ILE A 222 -7.69 0.38 -2.65
CA ILE A 222 -7.28 -0.94 -3.12
C ILE A 222 -8.20 -1.39 -4.21
N TYR A 223 -7.64 -1.65 -5.39
CA TYR A 223 -8.32 -2.23 -6.54
C TYR A 223 -8.04 -3.71 -6.62
N LEU A 224 -9.09 -4.51 -6.81
CA LEU A 224 -8.95 -5.94 -7.01
C LEU A 224 -9.85 -6.37 -8.15
N ASN A 225 -9.40 -7.36 -8.87
CA ASN A 225 -10.22 -8.03 -9.86
C ASN A 225 -10.54 -9.42 -9.29
N ILE A 226 -11.80 -9.62 -8.95
CA ILE A 226 -12.22 -10.83 -8.23
C ILE A 226 -13.19 -11.60 -9.08
N PRO A 227 -12.96 -12.86 -9.43
N PRO A 227 -12.90 -12.86 -9.36
CA PRO A 227 -13.99 -13.58 -10.19
CA PRO A 227 -13.67 -13.66 -10.33
C PRO A 227 -15.32 -13.61 -9.44
C PRO A 227 -15.17 -13.51 -10.29
N SER A 228 -16.38 -13.47 -10.23
N SER A 228 -15.73 -13.62 -9.10
CA SER A 228 -17.79 -13.35 -9.91
CA SER A 228 -17.18 -13.62 -9.00
C SER A 228 -18.09 -11.96 -9.34
C SER A 228 -17.82 -12.26 -8.77
N LYS A 229 -17.11 -11.16 -8.92
CA LYS A 229 -17.46 -9.81 -8.51
C LYS A 229 -16.98 -8.74 -9.48
N GLY A 230 -15.87 -9.01 -10.14
CA GLY A 230 -15.41 -8.04 -11.14
C GLY A 230 -14.45 -7.03 -10.53
N HIS A 231 -14.60 -5.82 -10.99
CA HIS A 231 -13.68 -4.75 -10.63
C HIS A 231 -14.11 -4.14 -9.31
N VAL A 232 -13.38 -4.43 -8.25
CA VAL A 232 -13.72 -4.07 -6.89
C VAL A 232 -12.78 -2.97 -6.42
N LEU A 233 -13.31 -2.02 -5.69
CA LEU A 233 -12.51 -0.93 -5.14
C LEU A 233 -12.87 -0.67 -3.70
N LEU A 234 -11.90 -0.84 -2.80
CA LEU A 234 -12.00 -0.48 -1.39
C LEU A 234 -11.54 0.96 -1.25
N HIS A 235 -12.39 1.80 -0.67
CA HIS A 235 -12.09 3.23 -0.60
C HIS A 235 -12.53 3.79 0.72
N ARG A 236 -12.04 4.98 1.07
CA ARG A 236 -12.37 5.58 2.36
C ARG A 236 -13.84 5.99 2.40
N THR A 237 -14.36 5.99 3.64
CA THR A 237 -15.78 6.21 3.87
C THR A 237 -16.17 7.68 3.77
N PRO A 238 -17.47 7.88 3.51
CA PRO A 238 -18.00 9.26 3.58
C PRO A 238 -17.90 9.91 4.94
N GLU A 239 -17.97 9.12 6.01
CA GLU A 239 -17.77 9.66 7.34
C GLU A 239 -16.38 10.23 7.52
N GLU A 240 -15.37 9.59 6.91
CA GLU A 240 -13.98 10.06 7.09
C GLU A 240 -13.60 11.15 6.10
N TYR A 241 -13.99 11.02 4.83
CA TYR A 241 -13.63 11.95 3.77
C TYR A 241 -14.84 12.16 2.86
N PRO A 242 -15.85 12.90 3.34
CA PRO A 242 -17.09 13.00 2.57
C PRO A 242 -16.89 13.52 1.16
N GLU A 243 -15.96 14.47 0.95
CA GLU A 243 -15.81 15.06 -0.38
C GLU A 243 -15.10 14.13 -1.34
N SER A 244 -14.21 13.28 -0.84
CA SER A 244 -13.59 12.27 -1.71
C SER A 244 -14.51 11.10 -1.94
N ALA A 245 -15.35 10.74 -0.95
CA ALA A 245 -16.29 9.64 -1.18
C ALA A 245 -17.23 9.96 -2.32
N LYS A 246 -17.62 11.21 -2.47
CA LYS A 246 -18.51 11.60 -3.56
C LYS A 246 -17.88 11.28 -4.92
N VAL A 247 -16.56 11.39 -5.04
CA VAL A 247 -15.88 11.05 -6.29
C VAL A 247 -15.91 9.56 -6.51
N TYR A 248 -15.55 8.75 -5.50
CA TYR A 248 -15.60 7.31 -5.66
C TYR A 248 -17.01 6.83 -6.01
N GLU A 249 -18.02 7.43 -5.40
CA GLU A 249 -19.39 6.98 -5.56
C GLU A 249 -19.90 7.10 -6.99
N LYS A 250 -19.25 7.93 -7.80
CA LYS A 250 -19.64 8.03 -9.19
C LYS A 250 -19.20 6.83 -10.03
N LEU A 251 -18.38 5.97 -9.47
CA LEU A 251 -17.81 4.84 -10.24
C LEU A 251 -18.78 3.66 -10.28
N LYS A 252 -19.77 3.74 -11.14
CA LYS A 252 -20.76 2.70 -11.37
C LYS A 252 -20.13 1.55 -12.14
N ASP A 253 -18.91 1.70 -12.59
CA ASP A 253 -18.15 0.69 -13.27
C ASP A 253 -17.31 -0.17 -12.30
N HIS A 254 -17.47 0.08 -11.00
CA HIS A 254 -16.78 -0.74 -10.00
C HIS A 254 -17.78 -1.23 -8.96
N MET A 255 -17.47 -2.31 -8.30
CA MET A 255 -18.09 -2.71 -7.03
C MET A 255 -17.36 -2.00 -5.89
N LEU A 256 -18.01 -1.05 -5.25
CA LEU A 256 -17.36 -0.16 -4.28
C LEU A 256 -17.60 -0.67 -2.88
N ILE A 257 -16.55 -0.69 -2.07
CA ILE A 257 -16.64 -1.13 -0.68
C ILE A 257 -15.99 -0.07 0.19
N PRO A 258 -16.77 0.72 0.92
CA PRO A 258 -16.20 1.66 1.84
C PRO A 258 -15.56 0.94 3.01
N VAL A 259 -14.36 1.33 3.40
CA VAL A 259 -13.65 0.72 4.53
C VAL A 259 -13.07 1.79 5.44
N SER A 260 -13.44 1.75 6.71
CA SER A 260 -13.02 2.65 7.74
C SER A 260 -11.53 2.46 8.05
N ASN A 261 -10.81 3.53 8.29
CA ASN A 261 -9.41 3.44 8.64
C ASN A 261 -8.93 4.60 9.48
N SER A 262 -9.83 5.23 10.21
CA SER A 262 -9.48 6.44 10.95
C SER A 262 -8.34 6.23 11.90
N GLU A 263 -8.28 5.12 12.58
CA GLU A 263 -7.27 4.97 13.63
C GLU A 263 -5.89 4.75 13.08
N LEU A 264 -5.75 3.90 12.04
CA LEU A 264 -4.39 3.68 11.55
C LEU A 264 -3.89 4.89 10.78
N GLU A 265 -4.73 5.74 10.24
CA GLU A 265 -4.20 6.93 9.59
C GLU A 265 -3.54 7.83 10.64
N LYS A 266 -3.88 7.77 11.92
CA LYS A 266 -3.19 8.55 12.94
C LYS A 266 -1.72 8.20 13.03
N VAL A 267 -1.36 7.01 12.60
CA VAL A 267 0.04 6.56 12.53
C VAL A 267 0.45 6.35 11.08
N ASP A 268 -0.14 7.15 10.17
CA ASP A 268 0.24 7.29 8.78
C ASP A 268 -0.04 6.09 7.90
N GLY A 269 -0.87 5.18 8.34
CA GLY A 269 -1.25 4.02 7.51
C GLY A 269 -2.59 4.26 6.85
N LEU A 270 -2.63 4.07 5.56
CA LEU A 270 -3.79 4.27 4.76
C LEU A 270 -4.41 2.93 4.40
N LEU A 271 -5.04 2.69 3.32
CA LEU A 271 -5.67 1.39 3.07
C LEU A 271 -4.67 0.35 2.58
N THR A 272 -3.77 0.71 1.69
CA THR A 272 -2.87 -0.28 1.11
C THR A 272 -1.91 -0.88 2.15
N CYS A 273 -1.64 -0.15 3.24
CA CYS A 273 -0.55 -0.48 4.13
C CYS A 273 -0.70 -1.84 4.82
N SER A 274 -1.94 -2.29 5.01
CA SER A 274 -2.20 -3.43 5.88
C SER A 274 -2.31 -4.75 5.14
N SER A 275 -1.96 -4.81 3.86
CA SER A 275 -1.98 -6.07 3.13
C SER A 275 -0.85 -6.12 2.10
N VAL A 276 -0.44 -7.34 1.82
CA VAL A 276 0.40 -7.72 0.68
C VAL A 276 -0.41 -8.72 -0.12
N LEU A 277 -0.74 -8.38 -1.33
CA LEU A 277 -1.57 -9.18 -2.21
C LEU A 277 -0.73 -10.06 -3.11
N ILE A 278 -1.21 -11.28 -3.31
CA ILE A 278 -0.48 -12.29 -4.08
C ILE A 278 -1.47 -13.00 -5.04
N ASN A 279 -1.05 -13.20 -6.30
CA ASN A 279 -1.78 -13.95 -7.28
C ASN A 279 -1.06 -15.27 -7.51
N LYS A 280 -1.61 -16.35 -6.98
CA LYS A 280 -1.10 -17.68 -7.27
C LYS A 280 -1.89 -18.42 -8.33
C CIR B . 5.52 4.06 9.63
O CIR B . 6.23 3.30 8.94
OXT CIR B . 5.81 5.19 10.05
CA CIR B . 4.12 3.53 10.01
N CIR B . 3.67 4.17 11.29
C3 CIR B . 3.14 3.79 8.89
C4 CIR B . 3.49 3.03 7.60
C5 CIR B . 2.43 3.23 6.52
N6 CIR B . 2.78 2.53 5.30
C7 CIR B . 1.98 2.52 4.22
O7 CIR B . 0.86 3.09 4.19
N8 CIR B . 2.26 1.87 3.12
C1 CIT C . -18.02 -1.51 14.88
O1 CIT C . -18.40 -2.68 14.81
O2 CIT C . -18.20 -1.00 15.98
C2 CIT C . -17.41 -0.90 13.62
C3 CIT C . -16.64 0.37 13.85
O7 CIT C . -15.50 0.04 14.57
C4 CIT C . -16.27 1.04 12.50
C5 CIT C . -15.41 2.28 12.69
O3 CIT C . -15.59 3.34 12.09
O4 CIT C . -14.49 2.24 13.46
C6 CIT C . -17.34 1.43 14.72
O5 CIT C . -18.42 1.85 14.34
O6 CIT C . -16.79 1.83 15.77
#